data_5OC6
#
_entry.id   5OC6
#
_cell.length_a   58.440
_cell.length_b   115.560
_cell.length_c   66.620
_cell.angle_alpha   90.00
_cell.angle_beta   90.00
_cell.angle_gamma   90.00
#
_symmetry.space_group_name_H-M   'C 2 2 21'
#
loop_
_entity.id
_entity.type
_entity.pdbx_description
1 polymer 'tRNA-dihydrouridine(20) synthase [NAD(P)+]-like'
2 polymer RNA
#
loop_
_entity_poly.entity_id
_entity_poly.type
_entity_poly.pdbx_seq_one_letter_code
_entity_poly.pdbx_strand_id
1 'polypeptide(L)'
;MTSEQTGEPAEDTSGVIKMAVKFDRRAYPAQITPKMCLLEWCRREKLAQPVYETVQRPLDRLFSSIVTVAEQKYQSTLWD
KSKKLAEQAAAIVCLRSQGLPEGRLGEESPSLHKHHHHHH
;
A
2 'polyribonucleotide' CGAACUUCGCG B,C
#
# COMPACT_ATOMS: atom_id res chain seq x y z
N GLY A 15 -15.80 -3.55 -5.07
CA GLY A 15 -14.85 -4.63 -4.87
C GLY A 15 -13.51 -4.19 -4.30
N VAL A 16 -13.03 -3.02 -4.72
CA VAL A 16 -11.76 -2.46 -4.28
C VAL A 16 -11.98 -1.15 -3.55
N ILE A 17 -11.31 -0.99 -2.41
CA ILE A 17 -11.33 0.24 -1.63
C ILE A 17 -10.18 1.11 -2.15
N LYS A 18 -10.46 2.38 -2.51
CA LYS A 18 -9.44 3.27 -3.05
C LYS A 18 -9.35 4.59 -2.30
N MET A 19 -8.15 5.16 -2.29
CA MET A 19 -7.83 6.46 -1.74
C MET A 19 -6.80 7.11 -2.64
N ALA A 20 -6.79 8.45 -2.70
CA ALA A 20 -5.83 9.19 -3.50
C ALA A 20 -4.56 9.39 -2.69
N VAL A 21 -3.67 8.40 -2.74
CA VAL A 21 -2.44 8.45 -1.94
C VAL A 21 -1.19 8.11 -2.75
N LYS A 22 -0.08 8.72 -2.34
CA LYS A 22 1.22 8.55 -2.95
C LYS A 22 2.21 8.45 -1.80
N PHE A 23 3.13 7.48 -1.88
CA PHE A 23 4.11 7.34 -0.83
C PHE A 23 5.27 8.30 -1.04
N ASP A 24 5.54 9.12 -0.01
CA ASP A 24 6.65 10.07 0.01
C ASP A 24 7.51 9.68 1.20
N ARG A 25 8.68 9.05 0.94
CA ARG A 25 9.61 8.56 1.97
C ARG A 25 9.94 9.59 3.02
N ARG A 26 9.96 10.87 2.62
CA ARG A 26 10.30 12.02 3.48
C ARG A 26 9.34 12.16 4.65
N ALA A 27 8.11 11.65 4.50
CA ALA A 27 7.06 11.74 5.50
C ALA A 27 7.17 10.63 6.56
N TYR A 28 8.15 9.73 6.39
CA TYR A 28 8.34 8.61 7.28
C TYR A 28 9.73 8.56 7.83
N PRO A 29 9.89 8.15 9.11
CA PRO A 29 11.23 7.99 9.68
C PRO A 29 12.00 6.95 8.87
N ALA A 30 13.34 7.02 8.93
CA ALA A 30 14.19 6.05 8.24
C ALA A 30 13.84 4.65 8.70
N GLN A 31 13.86 3.71 7.76
CA GLN A 31 13.60 2.29 8.01
C GLN A 31 12.15 1.96 8.38
N ILE A 32 11.23 2.95 8.33
CA ILE A 32 9.83 2.70 8.63
C ILE A 32 8.98 2.91 7.39
N THR A 33 8.17 1.92 7.03
CA THR A 33 7.33 2.04 5.84
C THR A 33 5.93 1.54 6.07
N PRO A 34 4.95 2.02 5.27
CA PRO A 34 3.59 1.50 5.38
C PRO A 34 3.54 -0.02 5.15
N LYS A 35 4.35 -0.56 4.21
CA LYS A 35 4.37 -1.99 3.96
C LYS A 35 4.79 -2.76 5.22
N MET A 36 5.81 -2.25 5.92
CA MET A 36 6.27 -2.84 7.17
C MET A 36 5.20 -2.80 8.23
N CYS A 37 4.54 -1.64 8.37
CA CYS A 37 3.47 -1.46 9.36
C CYS A 37 2.34 -2.42 9.12
N LEU A 38 1.94 -2.57 7.84
CA LEU A 38 0.87 -3.47 7.45
C LEU A 38 1.23 -4.92 7.73
N LEU A 39 2.48 -5.32 7.40
CA LEU A 39 2.95 -6.68 7.66
C LEU A 39 2.86 -6.98 9.16
N GLU A 40 3.27 -6.01 9.98
CA GLU A 40 3.25 -6.15 11.43
C GLU A 40 1.83 -6.20 11.98
N TRP A 41 0.93 -5.39 11.40
CA TRP A 41 -0.46 -5.37 11.84
C TRP A 41 -1.13 -6.70 11.54
N CYS A 42 -0.87 -7.29 10.36
CA CYS A 42 -1.43 -8.58 10.00
C CYS A 42 -0.98 -9.64 10.98
N ARG A 43 0.28 -9.54 11.43
CA ARG A 43 0.84 -10.50 12.36
C ARG A 43 0.14 -10.42 13.71
N ARG A 44 -0.09 -9.19 14.22
CA ARG A 44 -0.75 -8.97 15.50
C ARG A 44 -2.21 -9.39 15.45
N GLU A 45 -2.89 -9.15 14.31
CA GLU A 45 -4.30 -9.45 14.13
C GLU A 45 -4.55 -10.89 13.73
N LYS A 46 -3.45 -11.67 13.62
CA LYS A 46 -3.47 -13.08 13.23
C LYS A 46 -4.14 -13.25 11.85
N LEU A 47 -3.80 -12.37 10.91
CA LEU A 47 -4.31 -12.40 9.55
C LEU A 47 -3.21 -12.97 8.67
N ALA A 48 -3.56 -13.40 7.44
CA ALA A 48 -2.64 -13.97 6.48
C ALA A 48 -1.28 -13.24 6.41
N GLN A 49 -1.07 -12.45 5.37
CA GLN A 49 0.12 -11.64 5.08
C GLN A 49 -0.31 -10.90 3.82
N PRO A 50 0.00 -9.60 3.68
CA PRO A 50 -0.46 -8.88 2.48
C PRO A 50 0.06 -9.47 1.18
N VAL A 51 -0.80 -9.48 0.16
CA VAL A 51 -0.43 -9.97 -1.15
C VAL A 51 -0.60 -8.81 -2.11
N TYR A 52 0.45 -8.49 -2.86
CA TYR A 52 0.43 -7.37 -3.79
C TYR A 52 0.43 -7.84 -5.23
N GLU A 53 -0.41 -7.23 -6.08
CA GLU A 53 -0.50 -7.54 -7.51
C GLU A 53 -0.18 -6.23 -8.22
N THR A 54 1.00 -6.14 -8.84
CA THR A 54 1.48 -4.91 -9.46
C THR A 54 1.42 -4.97 -10.99
N VAL A 55 0.97 -3.86 -11.60
CA VAL A 55 0.76 -3.67 -13.05
C VAL A 55 1.52 -2.46 -13.63
N GLN A 56 1.87 -2.55 -14.92
CA GLN A 56 2.65 -1.55 -15.68
C GLN A 56 1.88 -0.80 -16.78
N ARG A 57 2.17 0.51 -16.91
CA ARG A 57 1.60 1.44 -17.90
C ARG A 57 2.59 1.65 -19.06
N PRO A 58 2.18 1.50 -20.34
CA PRO A 58 3.15 1.71 -21.42
C PRO A 58 3.32 3.19 -21.81
N LEU A 59 2.48 4.08 -21.26
CA LEU A 59 2.46 5.53 -21.48
C LEU A 59 3.75 6.19 -20.97
N ASP A 60 3.82 6.41 -19.63
CA ASP A 60 4.91 7.04 -18.87
C ASP A 60 5.67 6.01 -18.05
N ARG A 61 5.47 4.71 -18.34
CA ARG A 61 6.11 3.61 -17.64
C ARG A 61 5.81 3.69 -16.14
N LEU A 62 4.52 3.94 -15.87
CA LEU A 62 3.92 4.12 -14.55
C LEU A 62 3.34 2.83 -13.96
N PHE A 63 3.26 2.77 -12.63
CA PHE A 63 2.85 1.58 -11.90
C PHE A 63 1.74 1.81 -10.90
N SER A 64 0.93 0.76 -10.67
CA SER A 64 -0.12 0.73 -9.65
C SER A 64 -0.07 -0.63 -8.99
N SER A 65 -0.67 -0.77 -7.79
CA SER A 65 -0.68 -2.05 -7.10
C SER A 65 -1.96 -2.25 -6.31
N ILE A 66 -2.45 -3.48 -6.30
CA ILE A 66 -3.64 -3.86 -5.55
C ILE A 66 -3.18 -4.80 -4.44
N VAL A 67 -3.43 -4.42 -3.19
CA VAL A 67 -3.06 -5.26 -2.06
C VAL A 67 -4.29 -5.97 -1.52
N THR A 68 -4.15 -7.25 -1.21
CA THR A 68 -5.24 -8.04 -0.65
C THR A 68 -4.92 -8.37 0.80
N VAL A 69 -5.80 -7.94 1.71
CA VAL A 69 -5.70 -8.13 3.16
C VAL A 69 -7.09 -8.50 3.66
N ALA A 70 -7.19 -9.63 4.39
CA ALA A 70 -8.46 -10.12 4.93
C ALA A 70 -9.52 -10.25 3.82
N GLU A 71 -9.12 -10.80 2.65
CA GLU A 71 -9.99 -11.03 1.49
C GLU A 71 -10.54 -9.75 0.82
N GLN A 72 -10.10 -8.56 1.30
CA GLN A 72 -10.50 -7.28 0.72
C GLN A 72 -9.34 -6.66 -0.04
N LYS A 73 -9.61 -6.08 -1.20
CA LYS A 73 -8.62 -5.45 -2.06
C LYS A 73 -8.55 -3.93 -1.81
N TYR A 74 -7.34 -3.38 -1.84
CA TYR A 74 -7.09 -1.95 -1.64
C TYR A 74 -6.14 -1.45 -2.73
N GLN A 75 -6.35 -0.21 -3.22
CA GLN A 75 -5.54 0.33 -4.30
C GLN A 75 -5.61 1.83 -4.29
N SER A 76 -4.51 2.52 -4.60
CA SER A 76 -4.53 3.96 -4.72
C SER A 76 -5.20 4.33 -6.03
N THR A 77 -5.83 5.51 -6.08
CA THR A 77 -6.40 6.01 -7.34
C THR A 77 -5.29 6.58 -8.23
N LEU A 78 -4.13 6.85 -7.63
CA LEU A 78 -2.96 7.45 -8.29
C LEU A 78 -1.96 6.41 -8.77
N TRP A 79 -1.07 6.85 -9.67
CA TRP A 79 -0.01 6.02 -10.23
C TRP A 79 1.36 6.46 -9.73
N ASP A 80 2.31 5.53 -9.67
CA ASP A 80 3.67 5.77 -9.16
C ASP A 80 4.74 5.44 -10.18
N LYS A 81 5.96 5.92 -9.91
CA LYS A 81 7.14 5.77 -10.74
C LYS A 81 7.75 4.36 -10.71
N SER A 82 7.41 3.56 -9.68
CA SER A 82 7.99 2.22 -9.53
C SER A 82 7.03 1.24 -8.89
N LYS A 83 7.32 -0.06 -9.01
CA LYS A 83 6.54 -1.14 -8.42
C LYS A 83 6.51 -0.99 -6.90
N LYS A 84 7.71 -0.80 -6.29
CA LYS A 84 7.84 -0.68 -4.84
C LYS A 84 7.05 0.50 -4.31
N LEU A 85 7.11 1.65 -4.99
CA LEU A 85 6.37 2.83 -4.57
C LEU A 85 4.87 2.59 -4.69
N ALA A 86 4.41 1.87 -5.74
CA ALA A 86 2.99 1.55 -5.92
C ALA A 86 2.49 0.65 -4.80
N GLU A 87 3.32 -0.30 -4.39
CA GLU A 87 2.98 -1.21 -3.31
C GLU A 87 2.85 -0.45 -1.99
N GLN A 88 3.74 0.52 -1.74
CA GLN A 88 3.67 1.33 -0.52
C GLN A 88 2.38 2.14 -0.50
N ALA A 89 1.95 2.68 -1.66
CA ALA A 89 0.69 3.43 -1.80
C ALA A 89 -0.50 2.53 -1.47
N ALA A 90 -0.49 1.28 -1.95
CA ALA A 90 -1.55 0.32 -1.68
C ALA A 90 -1.60 0.01 -0.17
N ALA A 91 -0.43 -0.12 0.48
CA ALA A 91 -0.37 -0.36 1.92
C ALA A 91 -0.97 0.81 2.68
N ILE A 92 -0.67 2.03 2.23
CA ILE A 92 -1.24 3.24 2.82
C ILE A 92 -2.76 3.16 2.75
N VAL A 93 -3.33 2.85 1.56
CA VAL A 93 -4.79 2.74 1.42
C VAL A 93 -5.33 1.75 2.46
N CYS A 94 -4.71 0.57 2.55
CA CYS A 94 -5.13 -0.45 3.50
C CYS A 94 -5.09 0.02 4.95
N LEU A 95 -3.99 0.64 5.37
CA LEU A 95 -3.86 1.12 6.74
C LEU A 95 -4.79 2.31 6.99
N ARG A 96 -4.70 3.33 6.14
CA ARG A 96 -5.46 4.57 6.30
C ARG A 96 -6.95 4.38 6.23
N SER A 97 -7.45 3.52 5.32
CA SER A 97 -8.90 3.30 5.22
C SER A 97 -9.45 2.62 6.48
N GLN A 98 -8.56 1.99 7.25
CA GLN A 98 -8.91 1.32 8.50
C GLN A 98 -8.58 2.17 9.73
N GLY A 99 -8.02 3.36 9.51
CA GLY A 99 -7.63 4.27 10.59
C GLY A 99 -6.47 3.76 11.41
N LEU A 100 -5.61 2.92 10.81
CA LEU A 100 -4.44 2.33 11.45
C LEU A 100 -3.23 3.26 11.36
N PRO A 101 -2.33 3.18 12.38
CA PRO A 101 -1.17 4.09 12.47
C PRO A 101 -0.42 4.49 11.22
N GLU A 102 0.01 3.52 10.37
CA GLU A 102 0.82 3.69 9.14
C GLU A 102 2.22 4.34 9.39
N GLY A 103 2.54 4.58 10.66
CA GLY A 103 3.79 5.19 11.08
C GLY A 103 3.70 6.70 11.17
N ARG A 104 4.24 7.40 10.17
CA ARG A 104 4.21 8.87 10.13
C ARG A 104 3.72 9.37 8.76
#